data_6H0M
#
_entry.id   6H0M
#
_cell.length_a   91.590
_cell.length_b   91.590
_cell.length_c   131.112
_cell.angle_alpha   90.00
_cell.angle_beta   90.00
_cell.angle_gamma   90.00
#
_symmetry.space_group_name_H-M   'I 4 2 2'
#
loop_
_entity.id
_entity.type
_entity.pdbx_description
1 polymer '17-beta-hydroxysteroid dehydrogenase 14'
2 non-polymer 'SODIUM ION'
3 non-polymer NICOTINAMIDE-ADENINE-DINUCLEOTIDE
4 non-polymer 'DIMETHYL SULFOXIDE'
5 non-polymer beta-D-glucopyranose
6 water water
#
_entity_poly.entity_id   1
_entity_poly.type   'polypeptide(L)'
_entity_poly.pdbx_seq_one_letter_code
;MATGTRYAGKVVVVTGGGRGIGAGIVRAFVNSGARVVICDKDESGGRALEQELPGAVFILCDVTQEDDVKTLVSETIRRF
GRLDCVVNNAGHHPPPQRPEETSAQGFRQLLELNLLGTYTLTKLALPYLRKSQGNVINISSLVGAIGQAQAVPYVATAGA
VTAMTKALALDESPYGVRVNCISPGNIWTPLWEELAALMPDPRASIREGMLAQPLGRMGQPAEVGAAAVFLASEANFCTG
IELLVTGGAELGYGCKASRSTPVDAPDIPS
;
_entity_poly.pdbx_strand_id   A
#
# COMPACT_ATOMS: atom_id res chain seq x y z
N THR A 5 13.78 0.98 18.33
CA THR A 5 14.49 -0.28 18.15
C THR A 5 13.52 -1.44 17.85
N ARG A 6 12.23 -1.11 17.66
CA ARG A 6 11.22 -2.14 17.47
C ARG A 6 11.53 -3.05 16.29
N TYR A 7 12.19 -2.55 15.26
CA TYR A 7 12.50 -3.34 14.07
C TYR A 7 13.96 -3.16 13.68
N ALA A 8 14.82 -3.04 14.70
CA ALA A 8 16.24 -2.88 14.47
C ALA A 8 16.84 -4.12 13.83
N GLY A 9 17.80 -3.91 12.94
CA GLY A 9 18.49 -5.00 12.27
C GLY A 9 17.73 -5.62 11.13
N LYS A 10 16.53 -5.13 10.82
CA LYS A 10 15.69 -5.68 9.78
C LYS A 10 15.80 -4.83 8.52
N VAL A 11 15.46 -5.45 7.39
CA VAL A 11 15.51 -4.83 6.07
C VAL A 11 14.13 -4.90 5.44
N VAL A 12 13.64 -3.75 4.98
CA VAL A 12 12.28 -3.60 4.48
C VAL A 12 12.32 -2.99 3.09
N VAL A 13 11.53 -3.53 2.17
CA VAL A 13 11.30 -2.91 0.86
C VAL A 13 9.91 -2.31 0.85
N VAL A 14 9.80 -1.05 0.44
CA VAL A 14 8.52 -0.35 0.31
C VAL A 14 8.37 0.09 -1.14
N THR A 15 7.36 -0.42 -1.84
CA THR A 15 7.12 0.02 -3.21
C THR A 15 6.21 1.25 -3.24
N GLY A 16 6.38 2.06 -4.27
CA GLY A 16 5.73 3.35 -4.31
C GLY A 16 6.09 4.22 -3.12
N GLY A 17 7.33 4.12 -2.66
CA GLY A 17 7.75 4.78 -1.44
C GLY A 17 8.16 6.23 -1.59
N GLY A 18 8.07 6.81 -2.79
CA GLY A 18 8.59 8.14 -3.01
C GLY A 18 7.74 9.28 -2.51
N ARG A 19 6.44 9.05 -2.28
CA ARG A 19 5.55 10.10 -1.78
C ARG A 19 4.34 9.42 -1.15
N GLY A 20 3.47 10.24 -0.54
CA GLY A 20 2.17 9.74 -0.09
C GLY A 20 2.29 8.69 0.99
N ILE A 21 1.37 7.72 0.95
CA ILE A 21 1.36 6.64 1.94
C ILE A 21 2.70 5.93 2.00
N GLY A 22 3.25 5.60 0.83
CA GLY A 22 4.51 4.87 0.81
C GLY A 22 5.62 5.59 1.54
N ALA A 23 5.74 6.90 1.32
CA ALA A 23 6.77 7.66 2.04
C ALA A 23 6.51 7.66 3.54
N GLY A 24 5.24 7.72 3.96
CA GLY A 24 4.92 7.60 5.38
C GLY A 24 5.35 6.27 5.95
N ILE A 25 5.18 5.20 5.18
CA ILE A 25 5.61 3.87 5.61
C ILE A 25 7.13 3.81 5.70
N VAL A 26 7.84 4.34 4.70
CA VAL A 26 9.29 4.41 4.75
C VAL A 26 9.75 5.09 6.03
N ARG A 27 9.17 6.26 6.33
CA ARG A 27 9.59 7.02 7.50
C ARG A 27 9.33 6.23 8.78
N ALA A 28 8.18 5.57 8.87
CA ALA A 28 7.86 4.81 10.07
C ALA A 28 8.86 3.68 10.28
N PHE A 29 9.23 2.96 9.21
CA PHE A 29 10.19 1.88 9.37
C PHE A 29 11.58 2.40 9.72
N VAL A 30 12.03 3.50 9.10
CA VAL A 30 13.32 4.06 9.50
C VAL A 30 13.29 4.45 10.98
N ASN A 31 12.20 5.05 11.43
CA ASN A 31 12.10 5.45 12.84
C ASN A 31 12.11 4.26 13.78
N SER A 32 11.72 3.08 13.32
N SER A 32 11.71 3.08 13.30
CA SER A 32 11.74 1.90 14.16
CA SER A 32 11.70 1.86 14.08
C SER A 32 13.04 1.11 14.02
C SER A 32 13.07 1.18 14.13
N GLY A 33 14.06 1.69 13.39
CA GLY A 33 15.40 1.13 13.39
C GLY A 33 15.73 0.26 12.20
N ALA A 34 14.83 0.13 11.24
CA ALA A 34 15.07 -0.73 10.08
C ALA A 34 15.85 0.02 9.00
N ARG A 35 16.50 -0.74 8.14
CA ARG A 35 16.98 -0.23 6.87
C ARG A 35 15.90 -0.44 5.83
N VAL A 36 15.67 0.57 5.01
CA VAL A 36 14.57 0.57 4.06
C VAL A 36 15.09 0.81 2.66
N VAL A 37 14.61 -0.01 1.73
CA VAL A 37 14.80 0.20 0.29
C VAL A 37 13.50 0.78 -0.25
N ILE A 38 13.60 2.01 -0.77
CA ILE A 38 12.50 2.73 -1.38
C ILE A 38 12.48 2.36 -2.86
N CYS A 39 11.40 1.74 -3.32
CA CYS A 39 11.18 1.51 -4.74
C CYS A 39 10.15 2.51 -5.24
N ASP A 40 10.43 3.12 -6.40
CA ASP A 40 9.43 3.95 -7.04
C ASP A 40 9.77 4.02 -8.52
N LYS A 41 8.74 4.20 -9.36
CA LYS A 41 8.95 4.38 -10.78
C LYS A 41 9.41 5.80 -11.12
N ASP A 42 9.24 6.75 -10.21
N ASP A 42 9.28 6.73 -10.18
CA ASP A 42 9.69 8.12 -10.42
CA ASP A 42 9.63 8.14 -10.35
C ASP A 42 10.82 8.42 -9.45
C ASP A 42 10.82 8.43 -9.43
N GLU A 43 11.85 9.09 -9.97
CA GLU A 43 13.06 9.36 -9.19
C GLU A 43 12.86 10.48 -8.17
N SER A 44 11.98 11.42 -8.42
CA SER A 44 12.02 12.72 -7.74
C SER A 44 11.90 12.58 -6.23
N GLY A 45 10.78 12.03 -5.76
CA GLY A 45 10.54 11.97 -4.33
C GLY A 45 11.45 10.98 -3.64
N GLY A 46 11.61 9.80 -4.25
CA GLY A 46 12.40 8.76 -3.62
C GLY A 46 13.87 9.10 -3.48
N ARG A 47 14.46 9.75 -4.49
CA ARG A 47 15.86 10.15 -4.39
C ARG A 47 16.06 11.15 -3.26
N ALA A 48 15.15 12.12 -3.14
CA ALA A 48 15.26 13.08 -2.05
C ALA A 48 15.11 12.39 -0.70
N LEU A 49 14.20 11.43 -0.58
N LEU A 49 14.22 11.41 -0.62
CA LEU A 49 14.06 10.70 0.68
CA LEU A 49 13.98 10.68 0.63
C LEU A 49 15.35 9.99 1.06
C LEU A 49 15.20 9.86 1.04
N GLU A 50 15.98 9.34 0.09
N GLU A 50 15.96 9.30 0.08
CA GLU A 50 17.25 8.66 0.34
CA GLU A 50 17.23 8.67 0.43
C GLU A 50 18.29 9.61 0.91
C GLU A 50 18.19 9.67 1.04
N GLN A 51 18.31 10.86 0.43
CA GLN A 51 19.25 11.83 0.96
C GLN A 51 18.86 12.28 2.36
N GLU A 52 17.56 12.37 2.60
CA GLU A 52 17.06 12.87 3.88
C GLU A 52 17.26 11.86 5.00
N LEU A 53 17.05 10.57 4.73
CA LEU A 53 16.93 9.57 5.77
C LEU A 53 18.14 8.64 5.81
N PRO A 54 18.99 8.76 6.82
N PRO A 54 18.96 8.66 6.86
CA PRO A 54 19.97 7.70 7.09
CA PRO A 54 20.16 7.78 6.86
C PRO A 54 19.25 6.39 7.38
C PRO A 54 19.87 6.32 6.58
N GLY A 55 19.64 5.36 6.65
N GLY A 55 18.79 5.78 7.12
CA GLY A 55 18.98 4.08 6.72
CA GLY A 55 18.54 4.37 7.00
C GLY A 55 18.01 3.81 5.59
C GLY A 55 17.93 3.89 5.70
N ALA A 56 17.69 4.79 4.75
CA ALA A 56 16.92 4.53 3.54
C ALA A 56 17.77 4.76 2.30
N VAL A 57 17.57 3.90 1.31
CA VAL A 57 18.16 4.06 -0.02
C VAL A 57 17.05 3.92 -1.05
N PHE A 58 17.31 4.45 -2.24
CA PHE A 58 16.34 4.49 -3.33
C PHE A 58 16.80 3.64 -4.50
N ILE A 59 15.89 2.80 -5.02
CA ILE A 59 16.12 2.04 -6.23
C ILE A 59 14.96 2.32 -7.19
N LEU A 60 15.29 2.85 -8.37
CA LEU A 60 14.29 3.09 -9.40
C LEU A 60 13.76 1.75 -9.90
N CYS A 61 12.45 1.56 -9.81
CA CYS A 61 11.85 0.27 -10.14
C CYS A 61 10.38 0.44 -10.37
N ASP A 62 9.91 0.02 -11.54
CA ASP A 62 8.50 -0.01 -11.89
C ASP A 62 8.00 -1.42 -11.63
N VAL A 63 7.05 -1.57 -10.69
CA VAL A 63 6.62 -2.90 -10.26
C VAL A 63 5.92 -3.69 -11.36
N THR A 64 5.50 -3.05 -12.45
CA THR A 64 4.90 -3.77 -13.58
C THR A 64 5.96 -4.35 -14.52
N GLN A 65 7.23 -4.06 -14.29
CA GLN A 65 8.31 -4.54 -15.16
C GLN A 65 9.07 -5.61 -14.38
N GLU A 66 8.86 -6.87 -14.75
CA GLU A 66 9.33 -7.95 -13.89
C GLU A 66 10.85 -7.93 -13.70
N ASP A 67 11.61 -7.48 -14.72
CA ASP A 67 13.05 -7.44 -14.53
C ASP A 67 13.48 -6.29 -13.62
N ASP A 68 12.72 -5.19 -13.57
CA ASP A 68 12.95 -4.16 -12.56
C ASP A 68 12.82 -4.77 -11.17
N VAL A 69 11.80 -5.59 -10.96
CA VAL A 69 11.52 -6.15 -9.64
C VAL A 69 12.57 -7.20 -9.27
N LYS A 70 12.97 -8.03 -10.24
N LYS A 70 12.97 -8.03 -10.24
CA LYS A 70 14.04 -8.99 -9.98
CA LYS A 70 14.03 -8.99 -10.00
C LYS A 70 15.30 -8.28 -9.51
C LYS A 70 15.29 -8.28 -9.53
N THR A 71 15.66 -7.17 -10.17
CA THR A 71 16.84 -6.42 -9.77
C THR A 71 16.64 -5.74 -8.42
N LEU A 72 15.43 -5.28 -8.13
CA LEU A 72 15.14 -4.70 -6.81
C LEU A 72 15.48 -5.70 -5.71
N VAL A 73 15.02 -6.94 -5.86
CA VAL A 73 15.27 -7.95 -4.85
C VAL A 73 16.75 -8.31 -4.79
N SER A 74 17.38 -8.57 -5.96
CA SER A 74 18.77 -8.99 -5.94
C SER A 74 19.67 -7.90 -5.36
N GLU A 75 19.36 -6.63 -5.67
CA GLU A 75 20.15 -5.52 -5.14
C GLU A 75 19.94 -5.35 -3.64
N THR A 76 18.71 -5.57 -3.16
CA THR A 76 18.47 -5.49 -1.72
C THR A 76 19.32 -6.51 -0.98
N ILE A 77 19.34 -7.74 -1.48
CA ILE A 77 20.13 -8.79 -0.85
C ILE A 77 21.62 -8.51 -0.99
N ARG A 78 22.07 -8.07 -2.18
CA ARG A 78 23.49 -7.78 -2.37
C ARG A 78 23.97 -6.68 -1.42
N ARG A 79 23.16 -5.65 -1.23
CA ARG A 79 23.57 -4.50 -0.45
C ARG A 79 23.38 -4.67 1.05
N PHE A 80 22.36 -5.43 1.48
CA PHE A 80 21.97 -5.47 2.89
C PHE A 80 21.96 -6.86 3.49
N GLY A 81 22.04 -7.92 2.70
CA GLY A 81 22.31 -9.24 3.23
C GLY A 81 21.11 -10.02 3.72
N ARG A 82 19.91 -9.47 3.69
CA ARG A 82 18.70 -10.13 4.19
C ARG A 82 17.51 -9.31 3.75
N LEU A 83 16.32 -9.90 3.88
CA LEU A 83 15.07 -9.23 3.57
C LEU A 83 14.02 -9.74 4.56
N ASP A 84 13.42 -8.82 5.32
CA ASP A 84 12.49 -9.15 6.39
C ASP A 84 11.04 -8.79 6.11
N CYS A 85 10.80 -7.79 5.28
CA CYS A 85 9.42 -7.33 5.08
C CYS A 85 9.33 -6.68 3.71
N VAL A 86 8.26 -7.00 3.00
N VAL A 86 8.29 -7.01 2.96
CA VAL A 86 7.89 -6.32 1.77
CA VAL A 86 7.95 -6.26 1.75
C VAL A 86 6.57 -5.62 2.01
C VAL A 86 6.59 -5.63 1.95
N VAL A 87 6.51 -4.33 1.64
CA VAL A 87 5.28 -3.56 1.70
C VAL A 87 4.89 -3.21 0.28
N ASN A 88 3.83 -3.84 -0.20
CA ASN A 88 3.34 -3.65 -1.57
C ASN A 88 2.33 -2.51 -1.57
N ASN A 89 2.85 -1.31 -1.79
CA ASN A 89 2.06 -0.09 -1.77
C ASN A 89 1.85 0.53 -3.14
N ALA A 90 2.75 0.32 -4.11
CA ALA A 90 2.60 0.92 -5.42
C ALA A 90 1.23 0.57 -6.01
N GLY A 91 0.60 1.56 -6.63
CA GLY A 91 -0.70 1.39 -7.25
C GLY A 91 -1.27 2.76 -7.57
N HIS A 92 -2.47 2.74 -8.16
CA HIS A 92 -3.12 3.98 -8.58
C HIS A 92 -4.63 3.83 -8.49
N HIS A 93 -5.30 4.94 -8.14
CA HIS A 93 -6.74 5.06 -8.25
C HIS A 93 -7.06 6.02 -9.38
N PRO A 94 -7.77 5.59 -10.42
CA PRO A 94 -8.12 6.50 -11.51
C PRO A 94 -9.12 7.55 -11.05
N PRO A 95 -9.31 8.60 -11.85
CA PRO A 95 -10.46 9.49 -11.63
C PRO A 95 -11.76 8.72 -11.75
N PRO A 96 -12.87 9.34 -11.39
CA PRO A 96 -14.15 8.65 -11.51
C PRO A 96 -14.40 8.13 -12.92
N GLN A 97 -14.89 6.90 -12.99
CA GLN A 97 -15.17 6.20 -14.24
C GLN A 97 -16.57 5.62 -14.17
N ARG A 98 -17.45 6.05 -15.06
CA ARG A 98 -18.73 5.37 -15.21
C ARG A 98 -18.48 3.96 -15.76
N PRO A 99 -19.27 2.96 -15.34
CA PRO A 99 -18.98 1.59 -15.80
C PRO A 99 -18.93 1.47 -17.32
N GLU A 100 -19.84 2.16 -18.02
CA GLU A 100 -19.90 2.05 -19.46
C GLU A 100 -18.75 2.78 -20.16
N GLU A 101 -17.97 3.56 -19.42
CA GLU A 101 -16.84 4.28 -19.97
C GLU A 101 -15.51 3.62 -19.62
N THR A 102 -15.54 2.43 -19.03
CA THR A 102 -14.35 1.61 -18.84
C THR A 102 -14.18 0.68 -20.03
N SER A 103 -13.00 0.05 -20.13
CA SER A 103 -12.77 -0.95 -21.16
C SER A 103 -12.06 -2.15 -20.55
N ALA A 104 -12.21 -3.30 -21.20
CA ALA A 104 -11.50 -4.49 -20.72
C ALA A 104 -10.00 -4.26 -20.71
N GLN A 105 -9.46 -3.60 -21.75
CA GLN A 105 -8.02 -3.38 -21.77
C GLN A 105 -7.58 -2.41 -20.66
N GLY A 106 -8.35 -1.36 -20.40
CA GLY A 106 -8.02 -0.50 -19.27
C GLY A 106 -8.07 -1.24 -17.94
N PHE A 107 -9.04 -2.12 -17.79
CA PHE A 107 -9.17 -2.96 -16.60
C PHE A 107 -7.97 -3.88 -16.47
N ARG A 108 -7.54 -4.53 -17.57
CA ARG A 108 -6.33 -5.36 -17.52
C ARG A 108 -5.13 -4.56 -17.08
N GLN A 109 -4.99 -3.33 -17.59
CA GLN A 109 -3.83 -2.52 -17.24
C GLN A 109 -3.86 -2.11 -15.76
N LEU A 110 -5.05 -1.83 -15.22
CA LEU A 110 -5.13 -1.49 -13.81
C LEU A 110 -4.85 -2.71 -12.92
N LEU A 111 -5.32 -3.89 -13.34
CA LEU A 111 -4.95 -5.12 -12.64
C LEU A 111 -3.45 -5.35 -12.67
N GLU A 112 -2.81 -5.04 -13.81
CA GLU A 112 -1.38 -5.23 -13.92
C GLU A 112 -0.65 -4.42 -12.86
N LEU A 113 -1.07 -3.16 -12.67
CA LEU A 113 -0.43 -2.27 -11.72
C LEU A 113 -0.81 -2.60 -10.28
N ASN A 114 -2.10 -2.75 -10.00
CA ASN A 114 -2.59 -2.78 -8.62
C ASN A 114 -2.56 -4.17 -8.00
N LEU A 115 -2.61 -5.22 -8.81
CA LEU A 115 -2.63 -6.59 -8.33
C LEU A 115 -1.37 -7.35 -8.70
N LEU A 116 -0.94 -7.30 -9.96
CA LEU A 116 0.16 -8.16 -10.36
C LEU A 116 1.53 -7.63 -9.95
N GLY A 117 1.68 -6.32 -9.71
CA GLY A 117 2.91 -5.84 -9.12
C GLY A 117 3.14 -6.47 -7.76
N THR A 118 2.10 -6.43 -6.92
CA THR A 118 2.13 -7.08 -5.60
C THR A 118 2.47 -8.56 -5.73
N TYR A 119 1.81 -9.24 -6.67
CA TYR A 119 2.09 -10.65 -6.87
C TYR A 119 3.55 -10.90 -7.23
N THR A 120 4.08 -10.13 -8.18
CA THR A 120 5.44 -10.35 -8.67
C THR A 120 6.49 -10.11 -7.59
N LEU A 121 6.44 -8.97 -6.90
CA LEU A 121 7.43 -8.72 -5.86
C LEU A 121 7.31 -9.76 -4.76
N THR A 122 6.08 -10.10 -4.34
CA THR A 122 5.93 -11.08 -3.28
C THR A 122 6.56 -12.41 -3.68
N LYS A 123 6.32 -12.86 -4.90
CA LYS A 123 6.88 -14.14 -5.34
C LYS A 123 8.41 -14.10 -5.33
N LEU A 124 9.00 -13.01 -5.82
CA LEU A 124 10.47 -12.93 -5.86
C LEU A 124 11.07 -12.81 -4.46
N ALA A 125 10.35 -12.18 -3.53
CA ALA A 125 10.87 -11.97 -2.19
C ALA A 125 10.70 -13.18 -1.29
N LEU A 126 9.71 -14.02 -1.54
CA LEU A 126 9.36 -15.06 -0.58
C LEU A 126 10.49 -16.00 -0.21
N PRO A 127 11.37 -16.43 -1.12
CA PRO A 127 12.47 -17.29 -0.66
C PRO A 127 13.31 -16.65 0.41
N TYR A 128 13.51 -15.33 0.34
CA TYR A 128 14.30 -14.62 1.34
C TYR A 128 13.50 -14.38 2.61
N LEU A 129 12.20 -14.12 2.48
CA LEU A 129 11.34 -13.97 3.65
C LEU A 129 11.24 -15.28 4.43
N ARG A 130 11.25 -16.42 3.74
CA ARG A 130 11.27 -17.69 4.45
C ARG A 130 12.53 -17.82 5.29
N LYS A 131 13.68 -17.39 4.77
CA LYS A 131 14.93 -17.51 5.51
C LYS A 131 14.92 -16.65 6.77
N SER A 132 14.29 -15.48 6.72
CA SER A 132 14.28 -14.54 7.84
C SER A 132 13.04 -14.65 8.69
N GLN A 133 12.11 -15.56 8.36
CA GLN A 133 10.80 -15.60 9.00
C GLN A 133 10.16 -14.20 8.96
N GLY A 134 10.25 -13.60 7.79
CA GLY A 134 9.74 -12.26 7.55
C GLY A 134 8.27 -12.26 7.22
N ASN A 135 7.80 -11.15 6.65
CA ASN A 135 6.36 -10.97 6.46
C ASN A 135 6.08 -10.06 5.27
N VAL A 136 4.86 -10.18 4.76
CA VAL A 136 4.35 -9.41 3.63
C VAL A 136 3.24 -8.52 4.14
N ILE A 137 3.25 -7.24 3.74
CA ILE A 137 2.19 -6.29 4.02
C ILE A 137 1.71 -5.72 2.69
N ASN A 138 0.45 -6.00 2.35
CA ASN A 138 -0.15 -5.50 1.14
C ASN A 138 -1.06 -4.31 1.46
N ILE A 139 -0.95 -3.24 0.69
CA ILE A 139 -1.91 -2.15 0.77
C ILE A 139 -3.07 -2.47 -0.15
N SER A 140 -4.27 -2.42 0.39
CA SER A 140 -5.48 -2.55 -0.40
C SER A 140 -6.31 -1.29 -0.21
N SER A 141 -7.62 -1.42 -0.07
CA SER A 141 -8.48 -0.29 0.18
C SER A 141 -9.76 -0.78 0.83
N LEU A 142 -10.31 0.07 1.69
CA LEU A 142 -11.66 -0.15 2.22
C LEU A 142 -12.67 -0.40 1.11
N VAL A 143 -12.51 0.25 -0.05
CA VAL A 143 -13.52 0.10 -1.09
C VAL A 143 -13.55 -1.30 -1.67
N GLY A 144 -12.49 -2.09 -1.49
CA GLY A 144 -12.59 -3.49 -1.88
C GLY A 144 -13.66 -4.23 -1.08
N ALA A 145 -13.85 -3.83 0.17
CA ALA A 145 -14.78 -4.48 1.09
C ALA A 145 -16.20 -3.94 0.97
N ILE A 146 -16.37 -2.65 0.72
CA ILE A 146 -17.67 -2.01 0.75
C ILE A 146 -18.10 -1.44 -0.59
N GLY A 147 -17.26 -1.48 -1.62
CA GLY A 147 -17.57 -0.83 -2.87
C GLY A 147 -17.35 0.67 -2.83
N GLN A 148 -17.37 1.26 -4.02
CA GLN A 148 -17.29 2.70 -4.20
C GLN A 148 -17.99 3.01 -5.51
N ALA A 149 -18.55 4.21 -5.59
CA ALA A 149 -19.14 4.68 -6.84
C ALA A 149 -18.07 5.06 -7.86
N GLN A 150 -18.38 4.81 -9.13
CA GLN A 150 -17.55 5.22 -10.27
C GLN A 150 -16.11 4.73 -10.16
N ALA A 151 -15.98 3.44 -9.85
CA ALA A 151 -14.66 2.85 -9.67
C ALA A 151 -14.69 1.33 -9.82
N VAL A 152 -15.45 0.79 -10.79
CA VAL A 152 -15.54 -0.66 -10.92
C VAL A 152 -14.16 -1.30 -11.05
N PRO A 153 -13.28 -0.85 -11.95
CA PRO A 153 -11.98 -1.53 -12.06
C PRO A 153 -11.15 -1.42 -10.79
N TYR A 154 -11.07 -0.23 -10.20
CA TYR A 154 -10.26 -0.07 -8.99
C TYR A 154 -10.77 -0.98 -7.88
N VAL A 155 -12.07 -0.96 -7.64
CA VAL A 155 -12.65 -1.76 -6.56
C VAL A 155 -12.33 -3.23 -6.76
N ALA A 156 -12.43 -3.72 -7.99
CA ALA A 156 -12.08 -5.11 -8.28
C ALA A 156 -10.63 -5.39 -7.89
N THR A 157 -9.71 -4.47 -8.20
CA THR A 157 -8.31 -4.70 -7.85
C THR A 157 -8.11 -4.79 -6.35
N ALA A 158 -8.81 -3.94 -5.58
CA ALA A 158 -8.69 -3.99 -4.13
C ALA A 158 -9.29 -5.27 -3.57
N GLY A 159 -10.44 -5.69 -4.08
CA GLY A 159 -11.00 -6.95 -3.64
C GLY A 159 -10.04 -8.12 -3.90
N ALA A 160 -9.37 -8.09 -5.06
CA ALA A 160 -8.41 -9.12 -5.40
C ALA A 160 -7.22 -9.12 -4.45
N VAL A 161 -6.67 -7.95 -4.14
CA VAL A 161 -5.50 -7.90 -3.25
C VAL A 161 -5.85 -8.43 -1.87
N THR A 162 -6.99 -8.00 -1.31
CA THR A 162 -7.37 -8.45 0.03
C THR A 162 -7.56 -9.95 0.06
N ALA A 163 -8.23 -10.52 -0.94
CA ALA A 163 -8.44 -11.96 -0.98
C ALA A 163 -7.12 -12.70 -1.17
N MET A 164 -6.28 -12.22 -2.09
CA MET A 164 -4.98 -12.84 -2.32
C MET A 164 -4.15 -12.89 -1.05
N THR A 165 -4.23 -11.85 -0.23
CA THR A 165 -3.52 -11.81 1.04
C THR A 165 -3.90 -13.02 1.90
N LYS A 166 -5.20 -13.33 1.96
CA LYS A 166 -5.67 -14.44 2.79
C LYS A 166 -5.20 -15.78 2.25
N ALA A 167 -5.26 -15.97 0.93
CA ALA A 167 -4.80 -17.20 0.31
C ALA A 167 -3.31 -17.41 0.57
N LEU A 168 -2.51 -16.37 0.36
CA LEU A 168 -1.07 -16.52 0.56
C LEU A 168 -0.73 -16.73 2.03
N ALA A 169 -1.47 -16.08 2.93
CA ALA A 169 -1.29 -16.33 4.36
C ALA A 169 -1.46 -17.81 4.68
N LEU A 170 -2.48 -18.45 4.11
CA LEU A 170 -2.64 -19.88 4.33
C LEU A 170 -1.46 -20.65 3.79
N ASP A 171 -1.01 -20.33 2.58
CA ASP A 171 0.05 -21.11 1.95
C ASP A 171 1.39 -20.96 2.68
N GLU A 172 1.68 -19.77 3.21
CA GLU A 172 2.99 -19.51 3.81
C GLU A 172 3.01 -19.75 5.30
N SER A 173 1.87 -20.05 5.90
N SER A 173 1.86 -19.99 5.92
CA SER A 173 1.83 -20.30 7.35
CA SER A 173 1.81 -20.32 7.35
C SER A 173 2.71 -21.46 7.80
C SER A 173 2.78 -21.42 7.74
N PRO A 174 2.82 -22.58 7.07
CA PRO A 174 3.74 -23.64 7.53
C PRO A 174 5.19 -23.23 7.47
N TYR A 175 5.51 -22.19 6.72
CA TYR A 175 6.88 -21.73 6.57
C TYR A 175 7.20 -20.56 7.49
N GLY A 176 6.25 -20.14 8.33
CA GLY A 176 6.49 -19.09 9.30
C GLY A 176 6.43 -17.68 8.75
N VAL A 177 5.92 -17.48 7.54
CA VAL A 177 5.85 -16.17 6.92
C VAL A 177 4.41 -15.67 7.00
N ARG A 178 4.21 -14.55 7.68
CA ARG A 178 2.90 -13.93 7.82
C ARG A 178 2.62 -13.02 6.63
N VAL A 179 1.35 -12.93 6.24
CA VAL A 179 0.93 -12.12 5.10
C VAL A 179 -0.34 -11.40 5.52
N ASN A 180 -0.29 -10.07 5.56
CA ASN A 180 -1.39 -9.26 6.06
C ASN A 180 -1.63 -8.10 5.11
N CYS A 181 -2.78 -7.46 5.25
CA CYS A 181 -3.05 -6.28 4.46
C CYS A 181 -3.58 -5.14 5.32
N ILE A 182 -3.33 -3.93 4.85
CA ILE A 182 -3.89 -2.71 5.39
C ILE A 182 -4.85 -2.15 4.36
N SER A 183 -6.07 -1.83 4.79
CA SER A 183 -7.08 -1.23 3.94
C SER A 183 -7.32 0.20 4.38
N PRO A 184 -6.64 1.17 3.79
CA PRO A 184 -6.95 2.57 4.11
C PRO A 184 -8.27 2.99 3.50
N GLY A 185 -8.92 3.94 4.17
N GLY A 185 -8.86 4.03 4.08
CA GLY A 185 -9.98 4.72 3.59
CA GLY A 185 -10.04 4.63 3.51
C GLY A 185 -9.39 5.98 3.00
C GLY A 185 -9.71 5.89 2.72
N ASN A 186 -9.95 7.14 3.29
N ASN A 186 -9.82 7.04 3.38
CA ASN A 186 -9.43 8.39 2.74
CA ASN A 186 -9.41 8.33 2.80
C ASN A 186 -8.19 8.83 3.52
C ASN A 186 -8.18 8.83 3.54
N ILE A 187 -7.04 8.84 2.85
CA ILE A 187 -5.77 9.32 3.37
C ILE A 187 -5.35 10.51 2.52
N TRP A 188 -5.04 11.63 3.16
CA TRP A 188 -4.67 12.85 2.43
C TRP A 188 -3.24 12.70 1.89
N THR A 189 -3.11 12.60 0.56
CA THR A 189 -1.86 12.32 -0.13
C THR A 189 -1.83 13.13 -1.42
N PRO A 190 -0.70 13.15 -2.13
CA PRO A 190 -0.68 13.85 -3.42
C PRO A 190 -1.69 13.29 -4.42
N LEU A 191 -1.94 11.98 -4.40
CA LEU A 191 -2.97 11.42 -5.28
C LEU A 191 -4.34 11.99 -4.94
N TRP A 192 -4.71 12.03 -3.65
CA TRP A 192 -5.99 12.63 -3.28
C TRP A 192 -6.07 14.07 -3.78
N GLU A 193 -4.99 14.84 -3.59
CA GLU A 193 -4.99 16.23 -4.01
C GLU A 193 -5.13 16.35 -5.53
N GLU A 194 -4.43 15.49 -6.27
CA GLU A 194 -4.51 15.52 -7.73
C GLU A 194 -5.90 15.16 -8.22
N LEU A 195 -6.52 14.14 -7.62
CA LEU A 195 -7.86 13.75 -8.04
C LEU A 195 -8.86 14.86 -7.72
N ALA A 196 -8.77 15.47 -6.55
CA ALA A 196 -9.67 16.56 -6.21
C ALA A 196 -9.53 17.71 -7.20
N ALA A 197 -8.31 17.98 -7.65
CA ALA A 197 -8.06 19.11 -8.54
C ALA A 197 -8.74 18.92 -9.89
N LEU A 198 -9.06 17.68 -10.27
CA LEU A 198 -9.77 17.41 -11.51
C LEU A 198 -11.27 17.63 -11.39
N MET A 199 -11.80 17.79 -10.19
CA MET A 199 -13.23 17.91 -10.02
C MET A 199 -13.68 19.35 -10.26
N PRO A 200 -14.95 19.54 -10.61
CA PRO A 200 -15.41 20.92 -10.86
C PRO A 200 -15.27 21.83 -9.65
N ASP A 201 -15.46 21.30 -8.44
CA ASP A 201 -15.29 22.08 -7.20
C ASP A 201 -14.34 21.27 -6.32
N PRO A 202 -13.03 21.44 -6.48
CA PRO A 202 -12.08 20.67 -5.66
C PRO A 202 -12.32 20.82 -4.16
N ARG A 203 -12.64 22.03 -3.69
CA ARG A 203 -12.83 22.24 -2.26
C ARG A 203 -14.01 21.43 -1.73
N ALA A 204 -15.11 21.39 -2.48
CA ALA A 204 -16.26 20.61 -2.04
C ALA A 204 -15.95 19.11 -2.07
N SER A 205 -15.16 18.66 -3.05
CA SER A 205 -14.76 17.26 -3.10
C SER A 205 -13.95 16.88 -1.87
N ILE A 206 -13.00 17.74 -1.49
CA ILE A 206 -12.17 17.48 -0.32
C ILE A 206 -13.02 17.45 0.94
N ARG A 207 -13.93 18.42 1.08
CA ARG A 207 -14.79 18.45 2.28
C ARG A 207 -15.64 17.19 2.36
N GLU A 208 -16.19 16.74 1.23
CA GLU A 208 -16.95 15.51 1.22
C GLU A 208 -16.09 14.33 1.63
N GLY A 209 -14.84 14.29 1.15
CA GLY A 209 -13.93 13.24 1.55
C GLY A 209 -13.64 13.24 3.05
N MET A 210 -13.52 14.42 3.65
CA MET A 210 -13.31 14.51 5.09
C MET A 210 -14.52 14.03 5.87
N LEU A 211 -15.71 14.39 5.43
CA LEU A 211 -16.91 14.08 6.20
C LEU A 211 -17.40 12.67 5.98
N ALA A 212 -16.75 11.89 5.11
CA ALA A 212 -17.06 10.48 4.97
C ALA A 212 -16.64 9.67 6.19
N GLN A 213 -15.79 10.25 7.06
CA GLN A 213 -15.36 9.58 8.30
C GLN A 213 -16.08 10.17 9.49
N PRO A 214 -16.56 9.34 10.42
CA PRO A 214 -17.06 9.86 11.69
C PRO A 214 -16.06 10.76 12.39
N LEU A 215 -14.76 10.51 12.24
CA LEU A 215 -13.77 11.39 12.84
C LEU A 215 -13.71 12.76 12.18
N GLY A 216 -14.32 12.94 11.00
CA GLY A 216 -14.41 14.26 10.38
C GLY A 216 -13.15 14.76 9.72
N ARG A 217 -12.14 13.91 9.55
CA ARG A 217 -10.91 14.25 8.86
C ARG A 217 -10.48 13.05 8.05
N MET A 218 -9.57 13.29 7.11
CA MET A 218 -8.87 12.20 6.44
C MET A 218 -7.68 11.74 7.29
N GLY A 219 -7.14 10.57 6.94
CA GLY A 219 -5.98 10.05 7.62
C GLY A 219 -4.69 10.55 7.04
N GLN A 220 -3.60 10.20 7.72
CA GLN A 220 -2.27 10.62 7.31
C GLN A 220 -1.41 9.43 6.92
N PRO A 221 -0.47 9.63 5.98
CA PRO A 221 0.51 8.58 5.71
C PRO A 221 1.18 8.02 6.95
N ALA A 222 1.49 8.88 7.94
CA ALA A 222 2.14 8.39 9.15
C ALA A 222 1.28 7.38 9.89
N GLU A 223 -0.05 7.53 9.83
CA GLU A 223 -0.93 6.59 10.50
C GLU A 223 -0.92 5.23 9.79
N VAL A 224 -0.90 5.22 8.45
CA VAL A 224 -0.73 3.95 7.75
C VAL A 224 0.63 3.36 8.08
N GLY A 225 1.67 4.19 8.15
CA GLY A 225 3.00 3.72 8.49
C GLY A 225 3.07 3.03 9.84
N ALA A 226 2.43 3.61 10.86
CA ALA A 226 2.43 2.99 12.18
C ALA A 226 1.73 1.63 12.14
N ALA A 227 0.64 1.52 11.36
CA ALA A 227 -0.03 0.24 11.24
C ALA A 227 0.89 -0.78 10.59
N ALA A 228 1.66 -0.38 9.58
CA ALA A 228 2.60 -1.30 8.93
C ALA A 228 3.69 -1.76 9.90
N VAL A 229 4.25 -0.83 10.68
CA VAL A 229 5.28 -1.22 11.64
C VAL A 229 4.73 -2.20 12.67
N PHE A 230 3.49 -1.98 13.12
CA PHE A 230 2.86 -2.94 14.04
C PHE A 230 2.77 -4.32 13.40
N LEU A 231 2.26 -4.40 12.17
CA LEU A 231 2.11 -5.69 11.51
C LEU A 231 3.44 -6.39 11.34
N ALA A 232 4.48 -5.64 10.99
CA ALA A 232 5.79 -6.26 10.77
C ALA A 232 6.41 -6.73 12.08
N SER A 233 6.38 -5.88 13.11
CA SER A 233 7.27 -6.01 14.26
C SER A 233 6.62 -6.64 15.47
N GLU A 234 5.31 -6.58 15.63
CA GLU A 234 4.68 -6.99 16.88
C GLU A 234 3.44 -7.87 16.70
N ALA A 235 2.97 -8.09 15.49
CA ALA A 235 1.73 -8.81 15.27
C ALA A 235 2.00 -10.27 14.92
N ASN A 236 2.72 -10.96 15.79
CA ASN A 236 3.27 -12.27 15.47
C ASN A 236 2.23 -13.38 15.40
N PHE A 237 1.02 -13.15 15.92
CA PHE A 237 -0.07 -14.10 15.81
C PHE A 237 -1.11 -13.63 14.80
N CYS A 238 -0.82 -12.57 14.04
CA CYS A 238 -1.72 -12.09 13.00
C CYS A 238 -1.22 -12.52 11.63
N THR A 239 -2.03 -13.28 10.91
CA THR A 239 -1.78 -13.56 9.51
C THR A 239 -3.11 -13.61 8.76
N GLY A 240 -3.11 -13.08 7.55
CA GLY A 240 -4.32 -12.99 6.77
C GLY A 240 -5.34 -11.99 7.25
N ILE A 241 -4.93 -10.99 8.06
CA ILE A 241 -5.88 -9.98 8.53
C ILE A 241 -5.93 -8.82 7.56
N GLU A 242 -7.05 -8.10 7.63
CA GLU A 242 -7.28 -6.84 6.94
C GLU A 242 -7.40 -5.76 8.01
N LEU A 243 -6.38 -4.94 8.15
CA LEU A 243 -6.33 -3.91 9.18
C LEU A 243 -6.87 -2.62 8.59
N LEU A 244 -8.04 -2.19 9.06
CA LEU A 244 -8.71 -1.02 8.53
C LEU A 244 -8.11 0.25 9.13
N VAL A 245 -7.72 1.18 8.25
CA VAL A 245 -7.21 2.49 8.65
C VAL A 245 -8.08 3.51 7.95
N THR A 246 -9.29 3.72 8.49
CA THR A 246 -10.38 4.34 7.76
C THR A 246 -11.13 5.41 8.55
N GLY A 247 -10.77 5.66 9.81
CA GLY A 247 -11.47 6.68 10.58
C GLY A 247 -12.94 6.40 10.82
N GLY A 248 -13.36 5.14 10.70
CA GLY A 248 -14.75 4.77 10.92
C GLY A 248 -15.65 4.92 9.71
N ALA A 249 -15.11 5.13 8.51
CA ALA A 249 -15.93 5.40 7.33
C ALA A 249 -16.94 4.30 7.04
N GLU A 250 -16.63 3.06 7.39
CA GLU A 250 -17.51 1.92 7.15
C GLU A 250 -18.64 1.79 8.17
N LEU A 251 -18.70 2.64 9.20
CA LEU A 251 -19.63 2.49 10.30
C LEU A 251 -20.87 3.35 10.11
N GLY A 252 -22.02 2.83 10.50
CA GLY A 252 -23.24 3.60 10.56
C GLY A 252 -23.84 3.92 9.20
N TYR A 253 -25.01 4.54 9.25
CA TYR A 253 -25.68 5.02 8.05
C TYR A 253 -25.12 6.37 7.61
N GLY A 254 -25.19 6.62 6.30
CA GLY A 254 -24.78 7.88 5.74
C GLY A 254 -25.57 8.16 4.47
N CYS A 255 -25.31 9.28 3.83
N CYS A 255 -25.32 9.31 3.90
CA CYS A 255 -26.04 9.65 2.62
CA CYS A 255 -25.88 9.66 2.59
C CYS A 255 -25.48 8.92 1.41
C CYS A 255 -25.34 8.71 1.53
N LYS A 256 -26.22 7.95 0.88
CA LYS A 256 -25.79 7.10 -0.22
C LYS A 256 -26.58 7.33 -1.51
N ALA A 257 -27.67 8.06 -1.47
CA ALA A 257 -28.42 8.39 -2.67
C ALA A 257 -28.43 9.91 -2.83
N ALA A 265 -43.85 7.74 -1.96
CA ALA A 265 -43.89 7.14 -0.63
C ALA A 265 -42.49 6.73 -0.22
N PRO A 266 -42.27 6.56 1.09
CA PRO A 266 -40.90 6.31 1.57
C PRO A 266 -40.33 5.00 1.09
N ASP A 267 -41.18 4.06 0.68
CA ASP A 267 -40.77 2.68 0.43
C ASP A 267 -40.99 2.28 -1.02
N ILE A 268 -41.12 3.26 -1.93
CA ILE A 268 -41.21 3.00 -3.36
C ILE A 268 -40.35 3.98 -4.18
#